data_1EAL
#
_entry.id   1EAL
#
_cell.length_a   1.000
_cell.length_b   1.000
_cell.length_c   1.000
_cell.angle_alpha   90.00
_cell.angle_beta   90.00
_cell.angle_gamma   90.00
#
_symmetry.space_group_name_H-M   'P 1'
#
_entity_poly.entity_id   1
_entity_poly.type   'polypeptide(L)'
_entity_poly.pdbx_seq_one_letter_code
;AFTGKYEIESEKNYDEFMKRLALPSDAIDKARNLKIISEVKQDGQNFTWSQQYPGGHSITNTFTIGKECDIETIGGKKFK
ATVQMEGGKVVVNSPNYHHTAEIVDGKLVEVSTVGGVSYERVSKKLA
;
_entity_poly.pdbx_strand_id   A
#
# COMPACT_ATOMS: atom_id res chain seq x y z
N ALA A 1 4.28 -10.60 9.25
CA ALA A 1 3.40 -10.94 10.35
C ALA A 1 2.10 -10.19 10.21
N PHE A 2 1.55 -10.11 8.97
CA PHE A 2 0.37 -9.28 8.74
C PHE A 2 -0.85 -10.12 9.09
N THR A 3 -1.42 -10.94 8.18
CA THR A 3 -2.47 -11.87 8.57
C THR A 3 -3.52 -11.24 9.46
N GLY A 4 -4.30 -10.25 8.96
CA GLY A 4 -5.35 -9.69 9.79
C GLY A 4 -6.11 -8.57 9.12
N LYS A 5 -7.16 -8.08 9.80
CA LYS A 5 -7.87 -6.90 9.32
C LYS A 5 -7.08 -5.69 9.75
N TYR A 6 -7.31 -4.53 9.10
CA TYR A 6 -6.65 -3.30 9.49
C TYR A 6 -7.52 -2.13 9.10
N GLU A 7 -7.51 -1.00 9.84
CA GLU A 7 -8.16 0.21 9.34
C GLU A 7 -7.09 1.22 9.07
N ILE A 8 -7.26 2.06 8.03
CA ILE A 8 -6.27 3.12 7.76
C ILE A 8 -6.86 4.35 8.38
N GLU A 9 -6.08 5.14 9.17
CA GLU A 9 -6.62 6.35 9.78
C GLU A 9 -5.82 7.60 9.47
N SER A 10 -4.77 7.57 8.61
CA SER A 10 -4.13 8.82 8.19
C SER A 10 -3.09 8.59 7.12
N GLU A 11 -2.79 9.64 6.30
CA GLU A 11 -1.70 9.58 5.33
C GLU A 11 -0.93 10.87 5.48
N LYS A 12 0.16 11.12 4.70
CA LYS A 12 0.85 12.39 4.82
C LYS A 12 1.46 12.75 3.48
N ASN A 13 0.85 13.69 2.71
CA ASN A 13 1.37 14.16 1.41
C ASN A 13 0.47 13.68 0.29
N TYR A 14 -0.83 14.07 0.25
CA TYR A 14 -1.68 13.73 -0.88
C TYR A 14 -1.74 14.87 -1.89
N ASP A 15 -1.00 15.98 -1.71
CA ASP A 15 -0.93 17.01 -2.75
C ASP A 15 0.34 16.84 -3.56
N GLU A 16 1.51 16.73 -2.89
CA GLU A 16 2.76 16.60 -3.65
C GLU A 16 2.81 15.23 -4.27
N PHE A 17 2.38 14.17 -3.55
CA PHE A 17 2.42 12.84 -4.13
C PHE A 17 1.48 12.85 -5.31
N MET A 18 0.23 13.32 -5.11
CA MET A 18 -0.75 13.23 -6.20
C MET A 18 -0.36 14.10 -7.38
N LYS A 19 0.28 15.27 -7.16
CA LYS A 19 0.69 16.08 -8.30
C LYS A 19 1.52 15.19 -9.19
N ARG A 20 2.56 14.51 -8.62
CA ARG A 20 3.42 13.68 -9.45
C ARG A 20 2.72 12.41 -9.87
N LEU A 21 1.87 11.83 -8.99
CA LEU A 21 1.24 10.54 -9.30
C LEU A 21 0.38 10.75 -10.54
N ALA A 22 -0.39 11.87 -10.60
CA ALA A 22 -1.07 12.32 -11.82
C ALA A 22 -2.54 11.94 -11.81
N LEU A 23 -3.35 12.55 -10.91
CA LEU A 23 -4.79 12.30 -10.88
C LEU A 23 -5.53 13.59 -11.20
N PRO A 24 -6.78 13.61 -11.75
CA PRO A 24 -7.43 14.89 -12.02
C PRO A 24 -7.88 15.55 -10.73
N SER A 25 -8.17 16.86 -10.78
CA SER A 25 -8.33 17.63 -9.54
C SER A 25 -9.45 17.09 -8.66
N ASP A 26 -10.63 16.77 -9.21
CA ASP A 26 -11.71 16.28 -8.34
C ASP A 26 -11.24 15.05 -7.59
N ALA A 27 -10.56 14.11 -8.29
CA ALA A 27 -10.09 12.90 -7.61
C ALA A 27 -9.10 13.27 -6.52
N ILE A 28 -8.22 14.26 -6.77
CA ILE A 28 -7.25 14.65 -5.74
C ILE A 28 -8.02 15.19 -4.56
N ASP A 29 -8.94 16.16 -4.80
CA ASP A 29 -9.61 16.81 -3.70
C ASP A 29 -10.33 15.81 -2.83
N LYS A 30 -11.10 14.85 -3.38
CA LYS A 30 -11.83 13.92 -2.50
C LYS A 30 -10.87 12.96 -1.84
N ALA A 31 -9.75 12.57 -2.50
CA ALA A 31 -8.83 11.61 -1.89
C ALA A 31 -8.31 12.09 -0.54
N ARG A 32 -8.15 13.41 -0.32
CA ARG A 32 -7.64 13.93 0.96
C ARG A 32 -7.80 13.01 2.14
N ASN A 33 -9.01 12.45 2.40
CA ASN A 33 -9.14 11.40 3.41
C ASN A 33 -10.35 10.55 3.12
N LEU A 34 -10.49 10.09 1.85
CA LEU A 34 -11.50 9.10 1.54
C LEU A 34 -11.02 7.90 2.30
N LYS A 35 -11.75 7.49 3.38
CA LYS A 35 -11.17 6.55 4.33
C LYS A 35 -11.16 5.21 3.68
N ILE A 36 -10.36 4.28 4.24
CA ILE A 36 -10.17 3.00 3.61
C ILE A 36 -10.06 1.91 4.65
N ILE A 37 -10.67 0.72 4.47
CA ILE A 37 -10.39 -0.42 5.36
C ILE A 37 -9.35 -1.24 4.64
N SER A 38 -8.35 -1.80 5.37
CA SER A 38 -7.34 -2.64 4.75
C SER A 38 -7.34 -4.01 5.38
N GLU A 39 -6.76 -5.02 4.70
CA GLU A 39 -6.80 -6.39 5.22
C GLU A 39 -5.76 -7.22 4.53
N VAL A 40 -5.21 -8.26 5.21
CA VAL A 40 -4.18 -9.09 4.58
C VAL A 40 -4.39 -10.54 4.96
N LYS A 41 -4.02 -11.49 4.08
CA LYS A 41 -4.09 -12.92 4.41
C LYS A 41 -2.83 -13.56 3.89
N GLN A 42 -2.34 -14.66 4.52
CA GLN A 42 -1.12 -15.32 4.04
C GLN A 42 -1.36 -16.81 3.93
N ASP A 43 -0.74 -17.50 2.94
CA ASP A 43 -0.79 -18.96 2.91
C ASP A 43 0.54 -19.42 3.46
N GLY A 44 1.47 -20.06 2.70
CA GLY A 44 2.76 -20.43 3.28
C GLY A 44 3.61 -19.19 3.26
N GLN A 45 4.25 -18.87 2.10
CA GLN A 45 4.97 -17.61 1.95
C GLN A 45 4.31 -16.80 0.85
N ASN A 46 2.99 -16.98 0.62
CA ASN A 46 2.30 -16.28 -0.45
C ASN A 46 1.36 -15.30 0.21
N PHE A 47 1.57 -13.98 0.03
CA PHE A 47 0.76 -13.01 0.75
C PHE A 47 -0.39 -12.63 -0.16
N THR A 48 -1.51 -12.15 0.42
CA THR A 48 -2.67 -11.74 -0.36
C THR A 48 -3.14 -10.45 0.27
N TRP A 49 -2.81 -9.28 -0.32
CA TRP A 49 -3.05 -8.01 0.36
C TRP A 49 -4.27 -7.34 -0.22
N SER A 50 -4.99 -6.51 0.55
CA SER A 50 -6.22 -5.91 0.02
C SER A 50 -6.56 -4.58 0.68
N GLN A 51 -6.52 -3.45 -0.07
CA GLN A 51 -6.99 -2.17 0.46
C GLN A 51 -8.24 -1.81 -0.31
N GLN A 52 -9.32 -1.29 0.34
CA GLN A 52 -10.58 -1.07 -0.37
C GLN A 52 -11.19 0.29 -0.02
N TYR A 53 -11.26 1.25 -0.97
CA TYR A 53 -12.04 2.46 -0.73
C TYR A 53 -13.49 2.02 -0.70
N PRO A 54 -14.39 2.45 0.21
CA PRO A 54 -15.81 2.13 0.02
C PRO A 54 -16.28 2.42 -1.38
N GLY A 55 -15.78 3.50 -2.02
CA GLY A 55 -16.16 3.75 -3.41
C GLY A 55 -15.78 2.58 -4.29
N GLY A 56 -16.29 2.53 -5.54
CA GLY A 56 -16.02 1.37 -6.38
C GLY A 56 -14.56 1.01 -6.45
N HIS A 57 -13.63 2.00 -6.48
CA HIS A 57 -12.22 1.67 -6.70
C HIS A 57 -11.63 0.90 -5.53
N SER A 58 -10.57 0.10 -5.80
CA SER A 58 -9.90 -0.67 -4.75
C SER A 58 -8.47 -0.90 -5.17
N ILE A 59 -7.53 -1.13 -4.22
CA ILE A 59 -6.14 -1.40 -4.58
C ILE A 59 -5.86 -2.78 -4.02
N THR A 60 -6.10 -3.85 -4.82
CA THR A 60 -5.87 -5.21 -4.33
C THR A 60 -4.58 -5.72 -4.92
N ASN A 61 -3.77 -6.50 -4.17
CA ASN A 61 -2.53 -7.02 -4.72
C ASN A 61 -2.27 -8.38 -4.15
N THR A 62 -1.41 -9.18 -4.81
CA THR A 62 -1.10 -10.52 -4.32
C THR A 62 0.33 -10.81 -4.68
N PHE A 63 1.17 -11.35 -3.76
CA PHE A 63 2.58 -11.48 -4.08
C PHE A 63 3.26 -12.47 -3.17
N THR A 64 4.45 -12.95 -3.60
CA THR A 64 5.20 -13.93 -2.81
C THR A 64 6.40 -13.25 -2.18
N ILE A 65 6.90 -13.78 -1.05
CA ILE A 65 8.15 -13.26 -0.50
C ILE A 65 9.28 -13.83 -1.31
N GLY A 66 10.34 -13.04 -1.60
CA GLY A 66 11.39 -13.52 -2.47
C GLY A 66 10.77 -13.76 -3.83
N LYS A 67 11.42 -14.60 -4.66
CA LYS A 67 10.82 -15.01 -5.92
C LYS A 67 10.46 -13.75 -6.70
N GLU A 68 9.22 -13.51 -7.18
CA GLU A 68 8.96 -12.27 -7.91
C GLU A 68 7.47 -12.03 -8.06
N CYS A 69 7.01 -10.76 -8.11
CA CYS A 69 5.59 -10.48 -8.31
C CYS A 69 5.38 -9.27 -9.18
N ASP A 70 4.11 -8.96 -9.50
CA ASP A 70 3.79 -7.76 -10.26
C ASP A 70 2.76 -6.94 -9.52
N ILE A 71 2.73 -5.61 -9.70
CA ILE A 71 1.83 -4.74 -8.93
C ILE A 71 1.04 -3.89 -9.91
N GLU A 72 -0.18 -3.44 -9.59
CA GLU A 72 -0.89 -2.48 -10.44
C GLU A 72 -1.66 -1.57 -9.49
N THR A 73 -0.98 -0.52 -8.97
CA THR A 73 -1.52 0.20 -7.82
C THR A 73 -2.78 0.99 -8.14
N ILE A 74 -2.69 2.11 -8.89
CA ILE A 74 -3.83 3.01 -9.02
C ILE A 74 -4.56 2.65 -10.29
N GLY A 75 -3.90 2.63 -11.47
CA GLY A 75 -4.59 2.20 -12.68
C GLY A 75 -3.78 2.47 -13.92
N GLY A 76 -3.69 1.52 -14.88
CA GLY A 76 -2.89 1.78 -16.08
C GLY A 76 -1.41 1.88 -15.78
N LYS A 77 -0.92 1.41 -14.61
CA LYS A 77 0.50 1.51 -14.28
C LYS A 77 0.91 0.18 -13.70
N LYS A 78 0.87 -0.87 -14.55
CA LYS A 78 1.31 -2.19 -14.11
C LYS A 78 2.80 -2.11 -13.90
N PHE A 79 3.34 -2.81 -12.87
CA PHE A 79 4.77 -2.79 -12.61
C PHE A 79 5.27 -4.20 -12.44
N LYS A 80 6.60 -4.40 -12.47
CA LYS A 80 7.18 -5.66 -12.01
C LYS A 80 7.97 -5.36 -10.77
N ALA A 81 8.12 -6.33 -9.82
CA ALA A 81 8.76 -6.03 -8.55
C ALA A 81 9.27 -7.29 -7.89
N THR A 82 10.45 -7.25 -7.23
CA THR A 82 10.94 -8.42 -6.50
C THR A 82 10.68 -8.14 -5.04
N VAL A 83 9.46 -8.46 -4.55
CA VAL A 83 9.18 -8.25 -3.13
C VAL A 83 10.26 -8.93 -2.32
N GLN A 84 10.73 -8.30 -1.22
CA GLN A 84 11.62 -8.96 -0.29
C GLN A 84 11.09 -8.74 1.10
N MET A 85 11.60 -9.47 2.12
CA MET A 85 11.20 -9.21 3.50
C MET A 85 12.43 -9.29 4.38
N GLU A 86 12.63 -8.31 5.30
CA GLU A 86 13.85 -8.27 6.09
C GLU A 86 13.43 -7.86 7.49
N GLY A 87 13.80 -8.60 8.56
CA GLY A 87 13.24 -8.30 9.87
C GLY A 87 11.76 -8.64 9.82
N GLY A 88 10.92 -8.02 10.68
CA GLY A 88 9.47 -8.25 10.60
C GLY A 88 8.86 -7.15 9.77
N LYS A 89 9.35 -6.93 8.53
CA LYS A 89 8.94 -5.78 7.74
C LYS A 89 9.03 -6.13 6.27
N VAL A 90 7.93 -6.05 5.49
CA VAL A 90 8.00 -6.39 4.06
C VAL A 90 8.42 -5.16 3.29
N VAL A 91 9.18 -5.34 2.19
CA VAL A 91 9.46 -4.21 1.28
C VAL A 91 9.09 -4.64 -0.11
N VAL A 92 8.78 -3.66 -1.00
CA VAL A 92 8.64 -3.97 -2.42
C VAL A 92 9.33 -2.84 -3.14
N ASN A 93 9.83 -3.09 -4.37
CA ASN A 93 10.48 -2.01 -5.11
C ASN A 93 10.07 -2.10 -6.55
N SER A 94 9.75 -0.97 -7.22
CA SER A 94 9.24 -1.00 -8.59
C SER A 94 9.88 0.12 -9.39
N PRO A 95 9.93 0.12 -10.75
CA PRO A 95 10.48 1.28 -11.44
C PRO A 95 10.02 2.61 -10.93
N ASN A 96 8.70 2.80 -10.63
CA ASN A 96 8.23 4.09 -10.12
C ASN A 96 7.10 3.89 -9.15
N TYR A 97 7.32 3.03 -8.13
CA TYR A 97 6.30 2.80 -7.10
C TYR A 97 6.90 1.98 -5.99
N HIS A 98 7.83 2.57 -5.21
CA HIS A 98 8.38 1.81 -4.09
C HIS A 98 7.28 1.67 -3.08
N HIS A 99 7.21 0.55 -2.34
CA HIS A 99 6.18 0.42 -1.31
C HIS A 99 6.67 -0.47 -0.21
N THR A 100 6.20 -0.27 1.05
CA THR A 100 6.61 -1.17 2.12
C THR A 100 5.51 -1.28 3.12
N ALA A 101 5.56 -2.33 3.99
CA ALA A 101 4.62 -2.40 5.10
C ALA A 101 5.31 -3.00 6.31
N GLU A 102 4.75 -2.76 7.51
CA GLU A 102 5.47 -3.03 8.75
C GLU A 102 4.49 -3.34 9.85
N ILE A 103 4.87 -4.16 10.85
CA ILE A 103 4.05 -4.31 12.06
C ILE A 103 4.88 -3.91 13.25
N VAL A 104 4.41 -2.98 14.12
CA VAL A 104 5.13 -2.68 15.36
C VAL A 104 4.14 -2.28 16.42
N ASP A 105 4.42 -2.48 17.72
CA ASP A 105 3.52 -2.03 18.78
C ASP A 105 2.08 -2.42 18.52
N GLY A 106 1.81 -3.63 17.97
CA GLY A 106 0.43 -4.01 17.68
C GLY A 106 -0.26 -3.00 16.79
N LYS A 107 0.46 -2.46 15.80
CA LYS A 107 -0.11 -1.52 14.83
C LYS A 107 0.44 -1.90 13.49
N LEU A 108 -0.12 -1.37 12.39
CA LEU A 108 0.45 -1.64 11.08
C LEU A 108 0.94 -0.30 10.56
N VAL A 109 2.24 -0.19 10.19
CA VAL A 109 2.78 1.06 9.66
C VAL A 109 3.09 0.80 8.21
N GLU A 110 3.02 1.83 7.32
CA GLU A 110 3.12 1.55 5.89
C GLU A 110 3.60 2.77 5.15
N VAL A 111 4.18 2.60 3.93
CA VAL A 111 4.59 3.76 3.15
C VAL A 111 4.35 3.52 1.69
N SER A 112 4.38 4.59 0.88
CA SER A 112 4.51 4.44 -0.57
C SER A 112 5.41 5.56 -1.03
N THR A 113 6.25 5.37 -2.07
CA THR A 113 7.23 6.39 -2.40
C THR A 113 7.57 6.33 -3.87
N VAL A 114 8.02 7.46 -4.46
CA VAL A 114 8.16 7.53 -5.91
C VAL A 114 9.39 8.35 -6.26
N GLY A 115 10.57 7.89 -5.79
CA GLY A 115 11.82 8.55 -6.16
C GLY A 115 11.79 10.03 -5.89
N GLY A 116 11.55 10.44 -4.62
CA GLY A 116 11.61 11.85 -4.28
C GLY A 116 10.53 12.19 -3.27
N VAL A 117 9.25 12.07 -3.67
CA VAL A 117 8.16 12.40 -2.73
C VAL A 117 7.79 11.10 -2.05
N SER A 118 7.55 11.13 -0.71
CA SER A 118 7.14 9.94 0.02
C SER A 118 5.72 10.12 0.47
N TYR A 119 5.07 9.02 0.91
CA TYR A 119 3.67 9.10 1.34
C TYR A 119 3.51 8.17 2.51
N GLU A 120 4.20 8.52 3.62
CA GLU A 120 4.12 7.71 4.82
C GLU A 120 2.67 7.60 5.23
N ARG A 121 2.27 6.44 5.79
CA ARG A 121 0.88 6.27 6.21
C ARG A 121 0.81 5.26 7.33
N VAL A 122 -0.28 5.26 8.13
CA VAL A 122 -0.32 4.44 9.34
C VAL A 122 -1.68 3.81 9.47
N SER A 123 -1.79 2.76 10.32
CA SER A 123 -3.04 2.00 10.36
C SER A 123 -3.26 1.29 11.68
N LYS A 124 -4.54 1.07 12.04
CA LYS A 124 -4.88 0.37 13.28
C LYS A 124 -5.16 -1.08 12.94
N LYS A 125 -5.20 -1.96 13.98
CA LYS A 125 -5.48 -3.38 13.78
C LYS A 125 -6.80 -3.71 14.40
N LEU A 126 -7.51 -4.78 13.95
CA LEU A 126 -8.81 -5.11 14.51
C LEU A 126 -9.16 -6.57 14.32
N ALA A 127 -8.22 -7.47 14.71
CA ALA A 127 -8.50 -8.90 14.67
C ALA A 127 -7.63 -9.63 15.67
N ALA A 1 1.28 -10.48 13.68
CA ALA A 1 1.74 -10.92 12.38
C ALA A 1 0.96 -10.20 11.31
N PHE A 2 1.39 -10.28 10.02
CA PHE A 2 0.67 -9.56 8.98
C PHE A 2 -0.77 -9.99 8.89
N THR A 3 -1.09 -11.31 8.93
CA THR A 3 -2.49 -11.74 8.75
C THR A 3 -3.43 -10.95 9.62
N GLY A 4 -4.70 -10.70 9.20
CA GLY A 4 -5.68 -10.05 10.06
C GLY A 4 -6.40 -8.92 9.36
N LYS A 5 -7.36 -8.27 10.06
CA LYS A 5 -8.02 -7.09 9.51
C LYS A 5 -7.32 -5.87 10.06
N TYR A 6 -7.33 -4.73 9.34
CA TYR A 6 -6.67 -3.52 9.82
C TYR A 6 -7.43 -2.32 9.33
N GLU A 7 -7.29 -1.16 10.02
CA GLU A 7 -8.01 0.05 9.59
C GLU A 7 -7.02 1.18 9.53
N ILE A 8 -7.38 2.26 8.81
CA ILE A 8 -6.48 3.40 8.67
C ILE A 8 -6.87 4.46 9.68
N GLU A 9 -5.93 5.07 10.42
CA GLU A 9 -6.28 6.26 11.21
C GLU A 9 -6.40 7.34 10.16
N SER A 10 -5.29 7.63 9.45
CA SER A 10 -5.34 8.64 8.38
C SER A 10 -4.21 8.41 7.41
N GLU A 11 -4.35 8.91 6.15
CA GLU A 11 -3.26 8.84 5.18
C GLU A 11 -2.46 10.11 5.29
N LYS A 12 -1.28 10.23 4.63
CA LYS A 12 -0.45 11.43 4.79
C LYS A 12 0.42 11.64 3.57
N ASN A 13 0.56 12.88 3.04
CA ASN A 13 1.39 13.12 1.86
C ASN A 13 0.89 12.32 0.69
N TYR A 14 -0.45 12.27 0.48
CA TYR A 14 -0.99 11.63 -0.71
C TYR A 14 -0.94 12.62 -1.86
N ASP A 15 -1.33 13.89 -1.63
CA ASP A 15 -1.50 14.79 -2.77
C ASP A 15 -0.23 15.00 -3.54
N GLU A 16 0.92 15.26 -2.85
CA GLU A 16 2.14 15.55 -3.59
C GLU A 16 2.67 14.30 -4.25
N PHE A 17 2.41 13.11 -3.66
CA PHE A 17 2.85 11.88 -4.32
C PHE A 17 2.00 11.67 -5.55
N MET A 18 0.67 11.78 -5.41
CA MET A 18 -0.21 11.65 -6.57
C MET A 18 0.04 12.77 -7.56
N LYS A 19 0.51 13.96 -7.12
CA LYS A 19 0.86 15.00 -8.10
C LYS A 19 1.90 14.40 -8.99
N ARG A 20 2.98 13.79 -8.44
CA ARG A 20 3.99 13.20 -9.32
C ARG A 20 3.38 12.09 -10.16
N LEU A 21 2.45 11.26 -9.64
CA LEU A 21 1.82 10.28 -10.52
C LEU A 21 1.26 11.03 -11.72
N ALA A 22 0.66 12.22 -11.48
CA ALA A 22 0.12 13.08 -12.54
C ALA A 22 -1.33 12.73 -12.73
N LEU A 23 -2.16 12.89 -11.67
CA LEU A 23 -3.60 12.68 -11.80
C LEU A 23 -4.19 14.06 -11.99
N PRO A 24 -5.27 14.33 -12.78
CA PRO A 24 -5.66 15.70 -13.04
C PRO A 24 -6.04 16.51 -11.81
N SER A 25 -7.24 16.34 -11.21
CA SER A 25 -7.67 17.22 -10.12
C SER A 25 -8.79 16.60 -9.31
N ASP A 26 -9.96 16.26 -9.91
CA ASP A 26 -10.96 15.52 -9.14
C ASP A 26 -10.31 14.24 -8.67
N ALA A 27 -9.48 13.60 -9.53
CA ALA A 27 -8.78 12.39 -9.12
C ALA A 27 -7.91 12.64 -7.90
N ILE A 28 -7.21 13.79 -7.82
CA ILE A 28 -6.43 14.08 -6.62
C ILE A 28 -7.41 14.19 -5.47
N ASP A 29 -8.48 15.01 -5.66
CA ASP A 29 -9.39 15.29 -4.56
C ASP A 29 -10.03 14.04 -4.00
N LYS A 30 -10.49 13.07 -4.82
CA LYS A 30 -11.19 11.93 -4.24
C LYS A 30 -10.32 11.21 -3.24
N ALA A 31 -8.97 11.22 -3.41
CA ALA A 31 -8.12 10.60 -2.40
C ALA A 31 -8.30 11.26 -1.05
N ARG A 32 -8.57 12.59 -1.00
CA ARG A 32 -8.84 13.23 0.29
C ARG A 32 -9.98 12.52 0.97
N ASN A 33 -10.03 12.49 2.34
CA ASN A 33 -11.16 11.91 3.05
C ASN A 33 -11.52 10.52 2.57
N LEU A 34 -10.53 9.69 2.16
CA LEU A 34 -10.80 8.31 1.78
C LEU A 34 -11.17 7.46 2.98
N LYS A 35 -11.82 6.29 2.74
CA LYS A 35 -12.29 5.41 3.83
C LYS A 35 -11.71 4.04 3.56
N ILE A 36 -10.36 3.93 3.59
CA ILE A 36 -9.73 2.62 3.37
C ILE A 36 -9.94 1.75 4.58
N ILE A 37 -10.20 0.43 4.37
CA ILE A 37 -9.98 -0.57 5.42
C ILE A 37 -8.86 -1.43 4.88
N SER A 38 -7.83 -1.75 5.68
CA SER A 38 -6.69 -2.50 5.18
C SER A 38 -6.88 -3.93 5.65
N GLU A 39 -7.18 -4.92 4.77
CA GLU A 39 -7.35 -6.29 5.23
C GLU A 39 -6.37 -7.15 4.49
N VAL A 40 -5.72 -8.13 5.16
CA VAL A 40 -4.68 -8.91 4.49
C VAL A 40 -4.76 -10.33 5.00
N LYS A 41 -4.33 -11.33 4.18
CA LYS A 41 -4.16 -12.68 4.70
C LYS A 41 -2.75 -13.07 4.34
N GLN A 42 -2.07 -13.91 5.16
CA GLN A 42 -0.71 -14.35 4.83
C GLN A 42 -0.71 -15.86 4.88
N ASP A 43 -0.03 -16.56 3.95
CA ASP A 43 -0.12 -18.02 3.92
C ASP A 43 1.24 -18.60 3.59
N GLY A 44 1.41 -19.64 2.73
CA GLY A 44 2.75 -20.18 2.49
C GLY A 44 3.60 -19.13 1.83
N GLN A 45 4.42 -18.36 2.59
CA GLN A 45 5.20 -17.26 2.02
C GLN A 45 4.44 -16.49 0.97
N ASN A 46 3.11 -16.35 1.15
CA ASN A 46 2.26 -15.76 0.13
C ASN A 46 1.40 -14.71 0.79
N PHE A 47 0.87 -13.74 0.03
CA PHE A 47 0.06 -12.69 0.62
C PHE A 47 -1.12 -12.40 -0.27
N THR A 48 -2.31 -12.19 0.34
CA THR A 48 -3.45 -11.66 -0.41
C THR A 48 -3.71 -10.35 0.30
N TRP A 49 -2.97 -9.29 -0.09
CA TRP A 49 -3.01 -8.04 0.67
C TRP A 49 -3.93 -7.11 -0.05
N SER A 50 -4.83 -6.39 0.65
CA SER A 50 -5.70 -5.46 -0.07
C SER A 50 -6.05 -4.26 0.78
N GLN A 51 -6.48 -3.16 0.11
CA GLN A 51 -6.93 -1.97 0.83
C GLN A 51 -8.24 -1.59 0.18
N GLN A 52 -9.37 -1.54 0.92
CA GLN A 52 -10.67 -1.38 0.27
C GLN A 52 -10.96 0.08 0.07
N TYR A 53 -10.22 0.71 -0.88
CA TYR A 53 -10.50 2.08 -1.26
C TYR A 53 -11.95 2.18 -1.70
N PRO A 54 -12.75 3.20 -1.35
CA PRO A 54 -14.19 3.15 -1.60
C PRO A 54 -14.58 3.29 -3.06
N GLY A 55 -15.89 3.25 -3.36
CA GLY A 55 -16.33 3.34 -4.75
C GLY A 55 -16.11 2.06 -5.50
N GLY A 56 -15.82 0.92 -4.82
CA GLY A 56 -15.59 -0.31 -5.57
C GLY A 56 -14.34 -0.19 -6.41
N HIS A 57 -13.21 0.28 -5.81
CA HIS A 57 -11.94 0.31 -6.55
C HIS A 57 -10.85 -0.14 -5.61
N SER A 58 -11.05 -1.35 -5.02
CA SER A 58 -10.10 -1.84 -4.03
C SER A 58 -8.70 -1.83 -4.61
N ILE A 59 -7.67 -1.52 -3.79
CA ILE A 59 -6.30 -1.51 -4.28
C ILE A 59 -5.76 -2.87 -3.88
N THR A 60 -6.13 -3.92 -4.65
CA THR A 60 -5.70 -5.27 -4.30
C THR A 60 -4.22 -5.40 -4.55
N ASN A 61 -3.50 -6.25 -3.77
CA ASN A 61 -2.07 -6.42 -3.97
C ASN A 61 -1.74 -7.84 -3.63
N THR A 62 -2.12 -8.79 -4.52
CA THR A 62 -1.77 -10.18 -4.26
C THR A 62 -0.30 -10.30 -4.56
N PHE A 63 0.53 -10.85 -3.64
CA PHE A 63 1.96 -10.96 -3.92
C PHE A 63 2.60 -12.14 -3.24
N THR A 64 3.77 -12.60 -3.76
CA THR A 64 4.49 -13.72 -3.17
C THR A 64 5.92 -13.29 -3.01
N ILE A 65 6.60 -13.65 -1.90
CA ILE A 65 7.98 -13.17 -1.70
C ILE A 65 8.87 -13.86 -2.72
N GLY A 66 9.92 -13.18 -3.24
CA GLY A 66 10.83 -13.81 -4.19
C GLY A 66 10.40 -13.52 -5.61
N LYS A 67 9.15 -13.90 -5.99
CA LYS A 67 8.74 -13.72 -7.39
C LYS A 67 8.67 -12.25 -7.75
N GLU A 68 8.67 -11.95 -9.07
CA GLU A 68 8.41 -10.59 -9.51
C GLU A 68 6.92 -10.41 -9.31
N CYS A 69 6.47 -9.44 -8.48
CA CYS A 69 5.06 -9.35 -8.15
C CYS A 69 4.38 -8.30 -8.98
N ASP A 70 3.09 -8.48 -9.34
CA ASP A 70 2.37 -7.43 -10.04
C ASP A 70 1.88 -6.46 -8.98
N ILE A 71 1.83 -5.14 -9.28
CA ILE A 71 1.42 -4.16 -8.27
C ILE A 71 0.60 -3.08 -8.94
N GLU A 72 -0.44 -2.55 -8.27
CA GLU A 72 -1.28 -1.47 -8.80
C GLU A 72 -1.24 -0.35 -7.79
N THR A 73 -1.89 0.80 -8.09
CA THR A 73 -1.92 1.92 -7.13
C THR A 73 -3.34 2.42 -6.95
N ILE A 74 -4.02 2.95 -8.01
CA ILE A 74 -5.42 3.36 -7.91
C ILE A 74 -5.85 4.04 -9.18
N GLY A 75 -5.07 4.99 -9.75
CA GLY A 75 -5.46 5.64 -11.00
C GLY A 75 -5.13 4.74 -12.17
N GLY A 76 -5.79 3.57 -12.27
CA GLY A 76 -5.54 2.67 -13.39
C GLY A 76 -4.08 2.36 -13.59
N LYS A 77 -3.26 2.26 -12.52
CA LYS A 77 -1.86 1.90 -12.70
C LYS A 77 -1.72 0.41 -12.64
N LYS A 78 -0.63 -0.14 -13.22
CA LYS A 78 -0.39 -1.58 -13.16
C LYS A 78 1.03 -1.80 -13.63
N PHE A 79 1.98 -2.15 -12.73
CA PHE A 79 3.36 -2.34 -13.15
C PHE A 79 3.97 -3.45 -12.33
N LYS A 80 5.05 -4.07 -12.84
CA LYS A 80 5.66 -5.18 -12.12
C LYS A 80 6.69 -4.63 -11.15
N ALA A 81 6.93 -5.33 -10.03
CA ALA A 81 7.91 -4.85 -9.07
C ALA A 81 8.32 -6.00 -8.16
N THR A 82 9.57 -6.02 -7.65
CA THR A 82 10.03 -7.17 -6.89
C THR A 82 9.68 -7.02 -5.43
N VAL A 83 9.26 -8.12 -4.75
CA VAL A 83 9.06 -8.07 -3.30
C VAL A 83 10.24 -8.74 -2.66
N GLN A 84 10.70 -8.22 -1.50
CA GLN A 84 11.63 -8.98 -0.67
C GLN A 84 11.32 -8.69 0.78
N MET A 85 11.83 -9.53 1.70
CA MET A 85 11.42 -9.44 3.10
C MET A 85 12.63 -9.09 3.94
N GLU A 86 12.48 -8.26 5.00
CA GLU A 86 13.63 -7.88 5.80
C GLU A 86 13.18 -7.39 7.16
N GLY A 87 14.00 -7.54 8.23
CA GLY A 87 13.54 -7.13 9.55
C GLY A 87 12.22 -7.79 9.84
N GLY A 88 11.29 -7.11 10.57
CA GLY A 88 9.92 -7.60 10.68
C GLY A 88 9.09 -6.79 9.71
N LYS A 89 9.49 -6.75 8.42
CA LYS A 89 8.83 -5.88 7.45
C LYS A 89 8.79 -6.55 6.09
N VAL A 90 7.94 -6.04 5.17
CA VAL A 90 7.98 -6.47 3.78
C VAL A 90 8.31 -5.25 2.96
N VAL A 91 9.09 -5.37 1.86
CA VAL A 91 9.43 -4.19 1.06
C VAL A 91 9.22 -4.49 -0.41
N VAL A 92 8.27 -3.81 -1.10
CA VAL A 92 8.30 -3.80 -2.56
C VAL A 92 9.45 -2.89 -2.88
N ASN A 93 10.22 -3.13 -3.97
CA ASN A 93 11.38 -2.29 -4.21
C ASN A 93 11.75 -2.22 -5.66
N SER A 94 10.85 -1.59 -6.46
CA SER A 94 11.22 -1.22 -7.83
C SER A 94 11.80 0.18 -7.73
N PRO A 95 12.88 0.58 -8.43
CA PRO A 95 13.34 1.95 -8.32
C PRO A 95 12.26 2.99 -8.42
N ASN A 96 11.28 2.83 -9.34
CA ASN A 96 10.25 3.86 -9.52
C ASN A 96 9.21 3.73 -8.42
N TYR A 97 8.44 2.62 -8.38
CA TYR A 97 7.40 2.49 -7.36
C TYR A 97 7.97 1.71 -6.21
N HIS A 98 8.76 2.37 -5.34
CA HIS A 98 9.20 1.68 -4.13
C HIS A 98 8.00 1.62 -3.22
N HIS A 99 7.84 0.57 -2.40
CA HIS A 99 6.76 0.60 -1.42
C HIS A 99 7.03 -0.37 -0.30
N THR A 100 6.47 -0.15 0.90
CA THR A 100 6.71 -1.08 1.99
C THR A 100 5.49 -1.21 2.85
N ALA A 101 5.46 -2.26 3.69
CA ALA A 101 4.48 -2.33 4.75
C ALA A 101 5.13 -3.01 5.94
N GLU A 102 4.71 -2.69 7.18
CA GLU A 102 5.39 -3.25 8.33
C GLU A 102 4.47 -3.29 9.52
N ILE A 103 4.75 -4.19 10.49
CA ILE A 103 4.03 -4.17 11.75
C ILE A 103 5.00 -3.53 12.71
N VAL A 104 4.51 -2.75 13.71
CA VAL A 104 5.42 -2.09 14.64
C VAL A 104 4.75 -2.00 16.00
N ASP A 105 5.44 -2.40 17.10
CA ASP A 105 4.79 -2.46 18.41
C ASP A 105 3.52 -3.29 18.32
N GLY A 106 2.35 -2.68 18.01
CA GLY A 106 1.13 -3.47 17.83
C GLY A 106 0.22 -2.71 16.89
N LYS A 107 0.79 -2.24 15.76
CA LYS A 107 0.08 -1.37 14.83
C LYS A 107 0.58 -1.69 13.44
N LEU A 108 -0.13 -1.26 12.39
CA LEU A 108 0.32 -1.52 11.02
C LEU A 108 0.74 -0.18 10.44
N VAL A 109 1.80 -0.15 9.62
CA VAL A 109 2.26 1.11 9.04
C VAL A 109 2.73 0.82 7.64
N GLU A 110 2.61 1.76 6.67
CA GLU A 110 3.05 1.46 5.31
C GLU A 110 3.33 2.72 4.53
N VAL A 111 4.14 2.62 3.44
CA VAL A 111 4.49 3.82 2.67
C VAL A 111 4.63 3.50 1.21
N SER A 112 4.57 4.53 0.32
CA SER A 112 5.04 4.37 -1.06
C SER A 112 5.99 5.51 -1.34
N THR A 113 7.07 5.32 -2.14
CA THR A 113 8.05 6.38 -2.30
C THR A 113 8.57 6.41 -3.72
N VAL A 114 8.96 7.61 -4.22
CA VAL A 114 9.36 7.75 -5.63
C VAL A 114 10.62 8.56 -5.63
N GLY A 115 11.68 8.03 -4.98
CA GLY A 115 12.94 8.76 -4.87
C GLY A 115 12.75 9.92 -3.91
N GLY A 116 12.25 11.07 -4.39
CA GLY A 116 12.15 12.25 -3.54
C GLY A 116 10.91 12.23 -2.66
N VAL A 117 9.70 12.12 -3.27
CA VAL A 117 8.47 12.32 -2.49
C VAL A 117 8.07 11.01 -1.87
N SER A 118 7.44 11.05 -0.66
CA SER A 118 6.95 9.83 0.00
C SER A 118 5.46 9.92 0.17
N TYR A 119 4.80 8.76 0.46
CA TYR A 119 3.36 8.73 0.66
C TYR A 119 3.13 7.86 1.86
N GLU A 120 3.38 8.42 3.07
CA GLU A 120 3.31 7.59 4.26
C GLU A 120 1.87 7.39 4.66
N ARG A 121 1.56 6.26 5.32
CA ARG A 121 0.24 6.06 5.91
C ARG A 121 0.43 5.32 7.22
N VAL A 122 -0.54 5.43 8.16
CA VAL A 122 -0.42 4.72 9.44
C VAL A 122 -1.73 4.01 9.72
N SER A 123 -1.70 2.90 10.49
CA SER A 123 -2.91 2.08 10.61
C SER A 123 -2.90 1.28 11.89
N LYS A 124 -4.07 0.70 12.28
CA LYS A 124 -4.16 -0.11 13.48
C LYS A 124 -4.80 -1.44 13.17
N LYS A 125 -4.73 -2.42 14.10
CA LYS A 125 -5.27 -3.75 13.83
C LYS A 125 -6.59 -3.99 14.52
N LEU A 126 -7.62 -4.54 13.83
CA LEU A 126 -8.84 -4.98 14.52
C LEU A 126 -8.57 -6.40 14.99
N ALA A 127 -8.23 -7.31 14.05
CA ALA A 127 -7.99 -8.73 14.34
C ALA A 127 -9.03 -9.55 13.63
N ALA A 1 3.07 -13.05 9.70
CA ALA A 1 1.80 -13.11 10.37
C ALA A 1 1.17 -11.74 10.35
N PHE A 2 1.01 -11.13 9.14
CA PHE A 2 0.30 -9.85 9.08
C PHE A 2 -1.13 -10.21 9.38
N THR A 3 -1.77 -11.02 8.49
CA THR A 3 -3.04 -11.65 8.84
C THR A 3 -3.96 -10.73 9.62
N GLY A 4 -4.48 -9.65 9.01
CA GLY A 4 -5.36 -8.76 9.78
C GLY A 4 -5.99 -7.66 8.96
N LYS A 5 -6.68 -6.73 9.68
CA LYS A 5 -7.35 -5.61 9.04
C LYS A 5 -6.80 -4.34 9.64
N TYR A 6 -6.88 -3.19 8.94
CA TYR A 6 -6.29 -1.97 9.50
C TYR A 6 -7.10 -0.77 9.07
N GLU A 7 -7.47 0.14 10.00
CA GLU A 7 -8.20 1.35 9.61
C GLU A 7 -7.16 2.44 9.51
N ILE A 8 -7.27 3.37 8.52
CA ILE A 8 -6.24 4.40 8.38
C ILE A 8 -6.21 5.26 9.63
N GLU A 9 -5.02 5.73 10.06
CA GLU A 9 -4.93 6.47 11.32
C GLU A 9 -5.00 7.93 10.99
N SER A 10 -4.07 8.47 10.16
CA SER A 10 -4.08 9.89 9.81
C SER A 10 -2.99 10.16 8.81
N GLU A 11 -3.13 9.72 7.54
CA GLU A 11 -2.03 9.90 6.60
C GLU A 11 -1.75 11.37 6.32
N LYS A 12 -0.58 11.67 5.75
CA LYS A 12 -0.28 13.03 5.28
C LYS A 12 0.37 12.92 3.92
N ASN A 13 0.49 14.03 3.15
CA ASN A 13 1.13 13.97 1.84
C ASN A 13 0.49 12.99 0.88
N TYR A 14 -0.81 12.64 1.01
CA TYR A 14 -1.42 11.83 -0.05
C TYR A 14 -1.51 12.76 -1.24
N ASP A 15 -1.93 14.03 -1.04
CA ASP A 15 -2.05 14.96 -2.17
C ASP A 15 -0.73 15.06 -2.90
N GLU A 16 0.38 15.33 -2.18
CA GLU A 16 1.64 15.59 -2.87
C GLU A 16 2.13 14.34 -3.55
N PHE A 17 1.98 13.16 -2.91
CA PHE A 17 2.41 11.91 -3.52
C PHE A 17 1.56 11.61 -4.73
N MET A 18 0.21 11.68 -4.60
CA MET A 18 -0.64 11.32 -5.71
C MET A 18 -0.50 12.36 -6.80
N LYS A 19 -0.34 13.65 -6.46
CA LYS A 19 -0.04 14.66 -7.47
C LYS A 19 1.22 14.24 -8.20
N ARG A 20 2.23 13.65 -7.52
CA ARG A 20 3.45 13.30 -8.24
C ARG A 20 3.11 12.25 -9.29
N LEU A 21 2.26 11.25 -8.95
CA LEU A 21 1.79 10.31 -9.97
C LEU A 21 1.06 11.14 -11.02
N ALA A 22 0.21 12.08 -10.57
CA ALA A 22 -0.59 12.96 -11.41
C ALA A 22 -2.02 12.50 -11.29
N LEU A 23 -2.52 11.61 -12.18
CA LEU A 23 -3.93 11.21 -12.18
C LEU A 23 -4.83 12.42 -12.38
N PRO A 24 -6.10 12.35 -12.88
CA PRO A 24 -6.89 13.57 -12.95
C PRO A 24 -7.13 14.14 -11.58
N SER A 25 -7.59 15.42 -11.49
CA SER A 25 -7.78 16.04 -10.19
C SER A 25 -8.89 15.33 -9.45
N ASP A 26 -9.94 14.84 -10.16
CA ASP A 26 -10.99 14.10 -9.45
C ASP A 26 -10.35 13.08 -8.55
N ALA A 27 -9.42 12.24 -9.07
CA ALA A 27 -8.82 11.20 -8.24
C ALA A 27 -8.23 11.78 -6.97
N ILE A 28 -7.58 12.96 -7.05
CA ILE A 28 -7.01 13.57 -5.85
C ILE A 28 -8.15 13.88 -4.91
N ASP A 29 -9.23 14.52 -5.40
CA ASP A 29 -10.38 14.83 -4.54
C ASP A 29 -11.07 13.58 -4.02
N LYS A 30 -11.17 12.48 -4.79
CA LYS A 30 -11.85 11.29 -4.28
C LYS A 30 -11.00 10.66 -3.20
N ALA A 31 -9.67 10.58 -3.39
CA ALA A 31 -8.81 10.04 -2.33
C ALA A 31 -9.08 10.81 -1.05
N ARG A 32 -9.11 12.16 -1.13
CA ARG A 32 -9.45 12.97 0.04
C ARG A 32 -10.85 12.64 0.50
N ASN A 33 -11.14 12.79 1.82
CA ASN A 33 -12.47 12.47 2.35
C ASN A 33 -12.60 10.99 2.62
N LEU A 34 -12.29 10.12 1.63
CA LEU A 34 -12.43 8.67 1.85
C LEU A 34 -11.30 8.20 2.76
N LYS A 35 -11.53 7.09 3.50
CA LYS A 35 -10.57 6.59 4.49
C LYS A 35 -10.35 5.15 4.08
N ILE A 36 -9.16 4.76 3.57
CA ILE A 36 -9.01 3.37 3.12
C ILE A 36 -9.04 2.49 4.34
N ILE A 37 -9.68 1.30 4.27
CA ILE A 37 -9.55 0.32 5.35
C ILE A 37 -8.58 -0.68 4.77
N SER A 38 -7.28 -0.66 5.14
CA SER A 38 -6.34 -1.54 4.48
C SER A 38 -6.61 -2.92 5.02
N GLU A 39 -6.23 -3.97 4.26
CA GLU A 39 -6.54 -5.32 4.70
C GLU A 39 -5.64 -6.29 3.98
N VAL A 40 -5.15 -7.35 4.66
CA VAL A 40 -4.26 -8.30 4.00
C VAL A 40 -4.55 -9.66 4.56
N LYS A 41 -4.07 -10.73 3.87
CA LYS A 41 -4.24 -12.07 4.41
C LYS A 41 -3.20 -12.97 3.79
N GLN A 42 -2.45 -13.76 4.59
CA GLN A 42 -1.45 -14.64 4.01
C GLN A 42 -2.12 -15.89 3.48
N ASP A 43 -1.54 -16.50 2.42
CA ASP A 43 -2.11 -17.73 1.86
C ASP A 43 -0.97 -18.68 1.56
N GLY A 44 -0.14 -19.00 2.58
CA GLY A 44 0.99 -19.90 2.36
C GLY A 44 2.09 -19.13 1.68
N GLN A 45 2.79 -18.24 2.42
CA GLN A 45 3.83 -17.42 1.81
C GLN A 45 3.29 -16.77 0.56
N ASN A 46 2.13 -16.09 0.68
CA ASN A 46 1.53 -15.42 -0.46
C ASN A 46 0.61 -14.35 0.09
N PHE A 47 1.01 -13.06 0.02
CA PHE A 47 0.27 -12.03 0.76
C PHE A 47 -0.85 -11.54 -0.13
N THR A 48 -2.08 -12.03 0.09
CA THR A 48 -3.23 -11.45 -0.61
C THR A 48 -3.42 -10.08 0.00
N TRP A 49 -2.84 -9.02 -0.60
CA TRP A 49 -2.93 -7.68 -0.01
C TRP A 49 -4.15 -6.97 -0.56
N SER A 50 -4.72 -6.00 0.18
CA SER A 50 -5.85 -5.24 -0.35
C SER A 50 -5.93 -3.84 0.21
N GLN A 51 -6.61 -2.93 -0.52
CA GLN A 51 -6.75 -1.54 -0.08
C GLN A 51 -8.21 -1.19 -0.28
N GLN A 52 -9.07 -1.45 0.73
CA GLN A 52 -10.50 -1.35 0.51
C GLN A 52 -10.96 0.08 0.64
N TYR A 53 -11.15 0.81 -0.49
CA TYR A 53 -11.79 2.11 -0.42
C TYR A 53 -13.20 1.84 0.07
N PRO A 54 -13.87 2.68 0.92
CA PRO A 54 -15.22 2.34 1.36
C PRO A 54 -16.19 1.93 0.27
N GLY A 55 -16.17 2.60 -0.90
CA GLY A 55 -17.18 2.34 -1.92
C GLY A 55 -17.01 0.98 -2.55
N GLY A 56 -17.80 0.69 -3.62
CA GLY A 56 -17.68 -0.59 -4.30
C GLY A 56 -16.24 -0.84 -4.71
N HIS A 57 -15.47 0.22 -5.07
CA HIS A 57 -14.07 0.00 -5.43
C HIS A 57 -13.36 -0.72 -4.31
N SER A 58 -12.32 -1.52 -4.64
CA SER A 58 -11.60 -2.27 -3.62
C SER A 58 -10.37 -2.86 -4.27
N ILE A 59 -9.20 -2.18 -4.22
CA ILE A 59 -8.05 -2.66 -4.97
C ILE A 59 -7.53 -3.91 -4.31
N THR A 60 -7.00 -4.87 -5.12
CA THR A 60 -6.32 -6.05 -4.56
C THR A 60 -4.93 -6.06 -5.16
N ASN A 61 -3.88 -6.44 -4.41
CA ASN A 61 -2.53 -6.51 -4.96
C ASN A 61 -1.93 -7.82 -4.48
N THR A 62 -2.38 -8.96 -5.03
CA THR A 62 -1.85 -10.23 -4.57
C THR A 62 -0.38 -10.28 -4.90
N PHE A 63 0.50 -10.61 -3.92
CA PHE A 63 1.92 -10.69 -4.22
C PHE A 63 2.56 -11.74 -3.35
N THR A 64 3.81 -12.15 -3.67
CA THR A 64 4.46 -13.28 -3.01
C THR A 64 5.80 -12.89 -2.44
N ILE A 65 6.21 -13.45 -1.28
CA ILE A 65 7.54 -13.15 -0.75
C ILE A 65 8.57 -13.88 -1.58
N GLY A 66 9.22 -13.22 -2.57
CA GLY A 66 10.36 -13.84 -3.25
C GLY A 66 10.44 -13.50 -4.71
N LYS A 67 9.38 -13.82 -5.49
CA LYS A 67 9.47 -13.72 -6.94
C LYS A 67 9.54 -12.27 -7.39
N GLU A 68 9.95 -12.01 -8.65
CA GLU A 68 9.86 -10.66 -9.18
C GLU A 68 8.39 -10.43 -9.39
N CYS A 69 7.69 -9.74 -8.46
CA CYS A 69 6.24 -9.66 -8.54
C CYS A 69 5.82 -8.61 -9.54
N ASP A 70 4.60 -8.74 -10.10
CA ASP A 70 4.05 -7.70 -10.97
C ASP A 70 3.01 -6.96 -10.17
N ILE A 71 2.93 -5.61 -10.29
CA ILE A 71 1.98 -4.84 -9.48
C ILE A 71 1.25 -3.89 -10.40
N GLU A 72 0.02 -3.47 -10.06
CA GLU A 72 -0.80 -2.76 -11.04
C GLU A 72 -1.88 -1.95 -10.36
N THR A 73 -2.67 -1.20 -11.17
CA THR A 73 -3.70 -0.33 -10.63
C THR A 73 -3.10 0.66 -9.65
N ILE A 74 -3.93 1.48 -8.98
CA ILE A 74 -3.42 2.59 -8.18
C ILE A 74 -2.76 3.59 -9.13
N GLY A 75 -1.53 3.35 -9.61
CA GLY A 75 -0.94 4.25 -10.61
C GLY A 75 -1.54 4.02 -11.97
N GLY A 76 -2.00 2.79 -12.29
CA GLY A 76 -2.52 2.51 -13.63
C GLY A 76 -1.42 1.86 -14.41
N LYS A 77 -0.31 2.60 -14.66
CA LYS A 77 0.83 2.00 -15.34
C LYS A 77 1.29 0.82 -14.53
N LYS A 78 1.31 -0.41 -15.09
CA LYS A 78 1.74 -1.56 -14.28
C LYS A 78 3.21 -1.43 -13.98
N PHE A 79 3.69 -2.13 -12.93
CA PHE A 79 5.10 -2.06 -12.55
C PHE A 79 5.63 -3.46 -12.32
N LYS A 80 6.96 -3.66 -12.44
CA LYS A 80 7.58 -4.88 -11.93
C LYS A 80 7.91 -4.59 -10.49
N ALA A 81 8.20 -5.62 -9.68
CA ALA A 81 8.66 -5.37 -8.31
C ALA A 81 9.42 -6.56 -7.81
N THR A 82 10.28 -6.39 -6.77
CA THR A 82 11.00 -7.52 -6.20
C THR A 82 10.64 -7.55 -4.74
N VAL A 83 9.54 -8.24 -4.39
CA VAL A 83 9.13 -8.29 -3.00
C VAL A 83 10.13 -9.12 -2.23
N GLN A 84 10.50 -8.70 -1.00
CA GLN A 84 11.28 -9.58 -0.14
C GLN A 84 11.23 -9.06 1.28
N MET A 85 11.29 -9.94 2.31
CA MET A 85 11.26 -9.48 3.69
C MET A 85 12.65 -9.28 4.19
N GLU A 86 12.83 -8.42 5.22
CA GLU A 86 14.17 -8.17 5.74
C GLU A 86 14.04 -7.72 7.19
N GLY A 87 13.39 -8.55 8.01
CA GLY A 87 13.13 -8.21 9.42
C GLY A 87 11.68 -8.55 9.70
N GLY A 88 11.00 -7.84 10.64
CA GLY A 88 9.56 -8.04 10.81
C GLY A 88 8.83 -7.08 9.89
N LYS A 89 9.12 -7.13 8.58
CA LYS A 89 8.55 -6.16 7.65
C LYS A 89 8.72 -6.63 6.23
N VAL A 90 7.92 -6.08 5.27
CA VAL A 90 8.13 -6.41 3.86
C VAL A 90 8.58 -5.20 3.11
N VAL A 91 9.61 -5.30 2.24
CA VAL A 91 9.97 -4.22 1.34
C VAL A 91 9.51 -4.68 -0.02
N VAL A 92 8.98 -3.77 -0.87
CA VAL A 92 8.46 -4.17 -2.16
C VAL A 92 8.88 -3.08 -3.11
N ASN A 93 10.19 -3.12 -3.46
CA ASN A 93 10.79 -2.02 -4.21
C ASN A 93 10.43 -2.16 -5.66
N SER A 94 10.62 -1.07 -6.46
CA SER A 94 10.14 -1.09 -7.84
C SER A 94 10.84 0.03 -8.60
N PRO A 95 11.11 0.00 -9.94
CA PRO A 95 11.87 1.09 -10.55
C PRO A 95 11.14 2.41 -10.54
N ASN A 96 9.78 2.47 -10.53
CA ASN A 96 9.09 3.77 -10.44
C ASN A 96 7.90 3.69 -9.51
N TYR A 97 8.03 2.98 -8.37
CA TYR A 97 6.92 2.91 -7.41
C TYR A 97 7.38 2.14 -6.18
N HIS A 98 8.38 2.67 -5.46
CA HIS A 98 8.92 1.91 -4.33
C HIS A 98 7.79 1.79 -3.35
N HIS A 99 7.48 0.59 -2.83
CA HIS A 99 6.38 0.42 -1.89
C HIS A 99 6.93 -0.39 -0.75
N THR A 100 6.37 -0.29 0.46
CA THR A 100 7.00 -0.92 1.62
C THR A 100 6.03 -0.98 2.76
N ALA A 101 6.15 -1.97 3.67
CA ALA A 101 5.21 -2.04 4.77
C ALA A 101 5.80 -2.78 5.94
N GLU A 102 5.20 -2.58 7.14
CA GLU A 102 5.86 -3.02 8.35
C GLU A 102 4.84 -3.21 9.45
N ILE A 103 4.63 -4.46 9.95
CA ILE A 103 3.80 -4.63 11.14
C ILE A 103 4.73 -4.36 12.29
N VAL A 104 4.26 -3.67 13.35
CA VAL A 104 5.12 -3.49 14.52
C VAL A 104 4.24 -3.21 15.72
N ASP A 105 4.58 -3.75 16.92
CA ASP A 105 3.74 -3.58 18.11
C ASP A 105 2.26 -3.60 17.82
N GLY A 106 1.78 -4.59 17.04
CA GLY A 106 0.34 -4.69 16.79
C GLY A 106 -0.21 -3.43 16.14
N LYS A 107 0.47 -2.92 15.09
CA LYS A 107 0.01 -1.71 14.40
C LYS A 107 0.61 -1.72 13.02
N LEU A 108 -0.13 -1.36 11.94
CA LEU A 108 0.42 -1.56 10.60
C LEU A 108 1.00 -0.24 10.13
N VAL A 109 2.32 -0.19 9.86
CA VAL A 109 2.94 1.01 9.30
C VAL A 109 3.07 0.77 7.81
N GLU A 110 2.97 1.84 6.98
CA GLU A 110 3.00 1.67 5.53
C GLU A 110 3.82 2.81 4.96
N VAL A 111 4.81 2.54 4.07
CA VAL A 111 5.61 3.61 3.48
C VAL A 111 5.68 3.42 1.99
N SER A 112 5.75 4.52 1.22
CA SER A 112 5.95 4.39 -0.22
C SER A 112 6.84 5.52 -0.67
N THR A 113 7.58 5.40 -1.79
CA THR A 113 8.47 6.49 -2.18
C THR A 113 8.54 6.57 -3.69
N VAL A 114 8.67 7.81 -4.24
CA VAL A 114 8.51 7.98 -5.68
C VAL A 114 9.41 9.09 -6.18
N GLY A 115 10.73 9.04 -5.85
CA GLY A 115 11.67 10.07 -6.31
C GLY A 115 11.93 11.04 -5.19
N GLY A 116 11.01 11.99 -4.92
CA GLY A 116 11.25 13.00 -3.89
C GLY A 116 10.07 13.26 -2.99
N VAL A 117 9.14 12.29 -2.82
CA VAL A 117 8.01 12.49 -1.91
C VAL A 117 7.77 11.17 -1.22
N SER A 118 8.36 10.92 -0.03
CA SER A 118 8.01 9.70 0.68
C SER A 118 6.60 9.87 1.15
N TYR A 119 5.89 8.75 1.43
CA TYR A 119 4.49 8.83 1.84
C TYR A 119 4.33 7.92 3.03
N GLU A 120 5.05 8.28 4.11
CA GLU A 120 4.95 7.53 5.35
C GLU A 120 3.54 7.69 5.85
N ARG A 121 2.84 6.58 6.22
CA ARG A 121 1.55 6.72 6.88
C ARG A 121 1.31 5.53 7.77
N VAL A 122 0.42 5.69 8.78
CA VAL A 122 0.20 4.65 9.77
C VAL A 122 -1.23 4.21 9.69
N SER A 123 -1.55 2.95 10.06
CA SER A 123 -2.94 2.49 10.01
C SER A 123 -3.21 1.68 11.27
N LYS A 124 -4.30 1.99 11.99
CA LYS A 124 -4.49 1.42 13.32
C LYS A 124 -5.00 0.01 13.15
N LYS A 125 -4.35 -1.00 13.77
CA LYS A 125 -4.82 -2.38 13.59
C LYS A 125 -6.02 -2.57 14.49
N LEU A 126 -7.24 -2.75 13.93
CA LEU A 126 -8.42 -2.91 14.78
C LEU A 126 -8.57 -4.35 15.20
N ALA A 127 -8.55 -5.33 14.26
CA ALA A 127 -8.72 -6.72 14.67
C ALA A 127 -7.57 -7.19 15.51
N ALA A 1 3.07 -12.99 8.35
CA ALA A 1 1.78 -13.37 8.91
C ALA A 1 1.10 -12.13 9.44
N PHE A 2 0.93 -11.10 8.58
CA PHE A 2 0.27 -9.87 9.04
C PHE A 2 -1.17 -10.23 9.35
N THR A 3 -1.90 -10.80 8.36
CA THR A 3 -3.19 -11.41 8.66
C THR A 3 -4.07 -10.55 9.55
N GLY A 4 -4.64 -9.46 9.01
CA GLY A 4 -5.55 -8.65 9.83
C GLY A 4 -6.16 -7.49 9.06
N LYS A 5 -7.06 -6.72 9.72
CA LYS A 5 -7.57 -5.49 9.13
C LYS A 5 -6.82 -4.36 9.78
N TYR A 6 -6.78 -3.16 9.15
CA TYR A 6 -6.03 -2.05 9.73
C TYR A 6 -6.70 -0.75 9.32
N GLU A 7 -7.28 0.03 10.27
CA GLU A 7 -7.97 1.27 9.89
C GLU A 7 -6.97 2.38 9.75
N ILE A 8 -6.91 3.08 8.58
CA ILE A 8 -5.91 4.13 8.42
C ILE A 8 -6.28 5.29 9.32
N GLU A 9 -5.28 5.97 9.94
CA GLU A 9 -5.57 7.16 10.75
C GLU A 9 -5.20 8.39 9.96
N SER A 10 -3.93 8.50 9.50
CA SER A 10 -3.49 9.69 8.78
C SER A 10 -2.93 9.27 7.44
N GLU A 11 -2.97 10.17 6.42
CA GLU A 11 -2.58 9.79 5.07
C GLU A 11 -1.80 10.96 4.52
N LYS A 12 -0.66 11.30 5.17
CA LYS A 12 0.01 12.58 4.86
C LYS A 12 0.79 12.51 3.57
N ASN A 13 0.97 13.65 2.86
CA ASN A 13 1.73 13.67 1.61
C ASN A 13 1.16 12.67 0.64
N TYR A 14 -0.18 12.71 0.46
CA TYR A 14 -0.84 11.91 -0.56
C TYR A 14 -0.99 12.74 -1.81
N ASP A 15 -1.30 14.05 -1.75
CA ASP A 15 -1.53 14.79 -2.99
C ASP A 15 -0.35 14.73 -3.93
N GLU A 16 0.88 15.05 -3.46
CA GLU A 16 2.00 15.13 -4.40
C GLU A 16 2.28 13.74 -4.92
N PHE A 17 2.27 12.73 -4.03
CA PHE A 17 2.58 11.37 -4.47
C PHE A 17 1.51 10.91 -5.44
N MET A 18 0.22 11.13 -5.11
CA MET A 18 -0.85 10.64 -5.96
C MET A 18 -0.87 11.42 -7.26
N LYS A 19 -0.42 12.70 -7.29
CA LYS A 19 -0.30 13.41 -8.57
C LYS A 19 0.82 12.81 -9.40
N ARG A 20 1.93 12.32 -8.81
CA ARG A 20 2.96 11.68 -9.63
C ARG A 20 2.31 10.54 -10.38
N LEU A 21 1.58 9.68 -9.64
CA LEU A 21 0.83 8.59 -10.30
C LEU A 21 -0.14 9.21 -11.28
N ALA A 22 -0.76 10.36 -10.94
CA ALA A 22 -1.63 11.09 -11.86
C ALA A 22 -2.96 10.37 -11.93
N LEU A 23 -3.63 10.21 -10.77
CA LEU A 23 -5.00 9.70 -10.77
C LEU A 23 -5.88 10.92 -10.91
N PRO A 24 -7.11 10.91 -11.49
CA PRO A 24 -7.81 12.16 -11.69
C PRO A 24 -8.22 12.80 -10.39
N SER A 25 -8.74 14.05 -10.44
CA SER A 25 -9.00 14.79 -9.20
C SER A 25 -9.94 14.03 -8.31
N ASP A 26 -11.06 13.50 -8.85
CA ASP A 26 -11.99 12.77 -7.99
C ASP A 26 -11.25 11.64 -7.30
N ALA A 27 -10.47 10.83 -8.03
CA ALA A 27 -9.77 9.69 -7.41
C ALA A 27 -8.91 10.19 -6.27
N ILE A 28 -8.17 11.30 -6.49
CA ILE A 28 -7.34 11.85 -5.43
C ILE A 28 -8.24 12.18 -4.25
N ASP A 29 -9.37 12.87 -4.49
CA ASP A 29 -10.26 13.23 -3.39
C ASP A 29 -10.80 12.00 -2.69
N LYS A 30 -11.09 10.88 -3.39
CA LYS A 30 -11.62 9.71 -2.68
C LYS A 30 -10.60 9.25 -1.67
N ALA A 31 -9.30 9.21 -2.06
CA ALA A 31 -8.26 8.86 -1.09
C ALA A 31 -8.34 9.82 0.08
N ARG A 32 -8.53 11.12 -0.18
CA ARG A 32 -8.59 12.10 0.92
C ARG A 32 -9.74 11.77 1.85
N ASN A 33 -10.99 11.91 1.37
CA ASN A 33 -12.14 11.96 2.27
C ASN A 33 -12.59 10.59 2.74
N LEU A 34 -12.52 9.51 1.94
CA LEU A 34 -12.96 8.20 2.44
C LEU A 34 -11.97 7.73 3.49
N LYS A 35 -12.36 6.75 4.35
CA LYS A 35 -11.55 6.34 5.50
C LYS A 35 -11.04 4.97 5.13
N ILE A 36 -9.83 4.86 4.53
CA ILE A 36 -9.44 3.57 3.97
C ILE A 36 -9.33 2.55 5.08
N ILE A 37 -9.92 1.34 4.91
CA ILE A 37 -9.70 0.26 5.86
C ILE A 37 -8.70 -0.64 5.17
N SER A 38 -7.39 -0.55 5.51
CA SER A 38 -6.43 -1.38 4.81
C SER A 38 -6.61 -2.78 5.31
N GLU A 39 -6.27 -3.80 4.50
CA GLU A 39 -6.51 -5.17 4.92
C GLU A 39 -5.55 -6.11 4.23
N VAL A 40 -5.10 -7.18 4.93
CA VAL A 40 -4.14 -8.10 4.33
C VAL A 40 -4.48 -9.50 4.80
N LYS A 41 -4.32 -10.53 3.94
CA LYS A 41 -4.41 -11.91 4.46
C LYS A 41 -3.24 -12.68 3.90
N GLN A 42 -2.40 -13.29 4.76
CA GLN A 42 -1.26 -14.05 4.25
C GLN A 42 -1.79 -15.42 3.91
N ASP A 43 -1.29 -16.07 2.84
CA ASP A 43 -1.79 -17.41 2.49
C ASP A 43 -0.61 -18.32 2.19
N GLY A 44 0.26 -18.56 3.20
CA GLY A 44 1.38 -19.47 3.00
C GLY A 44 2.33 -18.91 1.96
N GLN A 45 3.22 -17.97 2.34
CA GLN A 45 4.08 -17.33 1.35
C GLN A 45 3.21 -16.80 0.24
N ASN A 46 2.25 -15.93 0.60
CA ASN A 46 1.48 -15.20 -0.40
C ASN A 46 0.76 -14.09 0.34
N PHE A 47 0.53 -12.92 -0.29
CA PHE A 47 -0.03 -11.79 0.45
C PHE A 47 -1.14 -11.20 -0.40
N THR A 48 -2.38 -11.66 -0.18
CA THR A 48 -3.51 -11.02 -0.85
C THR A 48 -3.67 -9.70 -0.11
N TRP A 49 -3.02 -8.63 -0.62
CA TRP A 49 -3.04 -7.34 0.07
C TRP A 49 -4.22 -6.55 -0.42
N SER A 50 -4.74 -5.58 0.38
CA SER A 50 -5.83 -4.75 -0.14
C SER A 50 -5.90 -3.39 0.54
N GLN A 51 -6.43 -2.38 -0.19
CA GLN A 51 -6.64 -1.05 0.38
C GLN A 51 -8.09 -0.74 0.08
N GLN A 52 -9.02 -0.97 1.05
CA GLN A 52 -10.44 -0.96 0.75
C GLN A 52 -10.99 0.40 1.12
N TYR A 53 -11.55 1.19 0.16
CA TYR A 53 -12.05 2.51 0.50
C TYR A 53 -13.52 2.29 0.77
N PRO A 54 -14.14 2.61 1.93
CA PRO A 54 -15.58 2.42 2.11
C PRO A 54 -16.43 2.71 0.89
N GLY A 55 -16.67 1.67 0.04
CA GLY A 55 -17.50 1.85 -1.14
C GLY A 55 -16.73 2.55 -2.23
N GLY A 56 -17.04 2.27 -3.52
CA GLY A 56 -16.42 3.02 -4.62
C GLY A 56 -15.09 2.45 -5.02
N HIS A 57 -13.99 2.85 -4.33
CA HIS A 57 -12.64 2.54 -4.80
C HIS A 57 -12.03 1.43 -3.96
N SER A 58 -12.41 0.16 -4.24
CA SER A 58 -11.78 -0.98 -3.57
C SER A 58 -10.59 -1.41 -4.38
N ILE A 59 -9.35 -1.38 -3.82
CA ILE A 59 -8.16 -1.77 -4.59
C ILE A 59 -7.66 -3.09 -4.06
N THR A 60 -7.04 -3.94 -4.92
CA THR A 60 -6.36 -5.14 -4.45
C THR A 60 -4.93 -5.10 -4.97
N ASN A 61 -3.96 -5.74 -4.27
CA ASN A 61 -2.58 -5.78 -4.77
C ASN A 61 -2.02 -7.12 -4.41
N THR A 62 -2.44 -8.19 -5.12
CA THR A 62 -1.95 -9.51 -4.77
C THR A 62 -0.45 -9.56 -5.04
N PHE A 63 0.37 -10.06 -4.08
CA PHE A 63 1.79 -10.20 -4.36
C PHE A 63 2.35 -11.35 -3.56
N THR A 64 3.58 -11.81 -3.88
CA THR A 64 4.13 -13.01 -3.24
C THR A 64 5.59 -12.77 -2.89
N ILE A 65 6.13 -13.43 -1.84
CA ILE A 65 7.50 -13.10 -1.42
C ILE A 65 8.52 -13.73 -2.34
N GLY A 66 9.59 -13.00 -2.71
CA GLY A 66 10.72 -13.64 -3.41
C GLY A 66 10.45 -14.11 -4.81
N LYS A 67 9.30 -13.80 -5.45
CA LYS A 67 9.07 -14.24 -6.83
C LYS A 67 9.51 -13.15 -7.79
N GLU A 68 8.98 -11.92 -7.61
CA GLU A 68 9.22 -10.79 -8.52
C GLU A 68 7.82 -10.42 -8.98
N CYS A 69 7.09 -9.58 -8.21
CA CYS A 69 5.72 -9.28 -8.56
C CYS A 69 5.74 -8.16 -9.57
N ASP A 70 4.75 -8.09 -10.49
CA ASP A 70 4.59 -6.90 -11.32
C ASP A 70 3.44 -6.16 -10.67
N ILE A 71 3.57 -4.84 -10.37
CA ILE A 71 2.48 -4.12 -9.71
C ILE A 71 2.08 -2.95 -10.57
N GLU A 72 0.78 -2.55 -10.50
CA GLU A 72 0.36 -1.27 -11.08
C GLU A 72 -0.45 -0.63 -9.98
N THR A 73 -0.16 0.63 -9.60
CA THR A 73 -0.83 1.21 -8.42
C THR A 73 -2.10 1.90 -8.89
N ILE A 74 -3.15 1.10 -9.18
CA ILE A 74 -4.46 1.65 -9.56
C ILE A 74 -4.33 2.77 -10.57
N GLY A 75 -4.30 2.46 -11.89
CA GLY A 75 -4.34 3.53 -12.88
C GLY A 75 -3.05 4.30 -12.87
N GLY A 76 -1.91 3.60 -13.07
CA GLY A 76 -0.60 4.26 -13.08
C GLY A 76 0.32 3.52 -14.00
N LYS A 77 1.64 3.82 -14.01
CA LYS A 77 2.55 3.03 -14.83
C LYS A 77 2.70 1.69 -14.17
N LYS A 78 2.87 0.60 -14.95
CA LYS A 78 3.16 -0.69 -14.30
C LYS A 78 4.54 -0.58 -13.69
N PHE A 79 4.88 -1.52 -12.79
CA PHE A 79 6.21 -1.53 -12.19
C PHE A 79 6.65 -2.96 -11.98
N LYS A 80 7.97 -3.20 -11.83
CA LYS A 80 8.43 -4.48 -11.30
C LYS A 80 8.48 -4.29 -9.81
N ALA A 81 8.45 -5.39 -9.02
CA ALA A 81 8.40 -5.26 -7.57
C ALA A 81 9.09 -6.44 -6.96
N THR A 82 10.43 -6.36 -6.82
CA THR A 82 11.18 -7.42 -6.16
C THR A 82 10.77 -7.41 -4.72
N VAL A 83 9.62 -8.04 -4.41
CA VAL A 83 9.15 -8.05 -3.04
C VAL A 83 10.16 -8.79 -2.21
N GLN A 84 10.38 -8.33 -0.95
CA GLN A 84 11.48 -8.88 -0.17
C GLN A 84 11.22 -8.67 1.31
N MET A 85 11.02 -9.73 2.13
CA MET A 85 10.83 -9.50 3.56
C MET A 85 12.17 -9.15 4.19
N GLU A 86 12.17 -8.41 5.32
CA GLU A 86 13.43 -7.98 5.90
C GLU A 86 13.29 -7.96 7.40
N GLY A 87 13.12 -9.16 8.00
CA GLY A 87 12.93 -9.24 9.45
C GLY A 87 11.51 -8.84 9.77
N GLY A 88 10.51 -9.54 9.17
CA GLY A 88 9.11 -9.25 9.46
C GLY A 88 8.55 -8.26 8.47
N LYS A 89 9.14 -7.05 8.36
CA LYS A 89 8.55 -6.04 7.49
C LYS A 89 8.63 -6.50 6.06
N VAL A 90 7.70 -6.06 5.18
CA VAL A 90 7.77 -6.39 3.76
C VAL A 90 8.39 -5.22 3.04
N VAL A 91 9.19 -5.45 1.97
CA VAL A 91 9.81 -4.35 1.25
C VAL A 91 9.54 -4.53 -0.24
N VAL A 92 8.57 -3.78 -0.84
CA VAL A 92 8.50 -3.71 -2.30
C VAL A 92 9.67 -2.86 -2.68
N ASN A 93 10.31 -3.10 -3.85
CA ASN A 93 11.40 -2.22 -4.27
C ASN A 93 11.45 -2.17 -5.78
N SER A 94 11.54 -0.96 -6.40
CA SER A 94 11.48 -0.81 -7.85
C SER A 94 12.40 0.32 -8.25
N PRO A 95 12.86 0.50 -9.51
CA PRO A 95 13.67 1.68 -9.82
C PRO A 95 12.87 2.96 -9.73
N ASN A 96 11.52 2.93 -9.84
CA ASN A 96 10.74 4.17 -9.78
C ASN A 96 9.40 3.90 -9.15
N TYR A 97 9.40 3.32 -7.93
CA TYR A 97 8.16 3.02 -7.20
C TYR A 97 8.50 2.09 -6.05
N HIS A 98 9.27 2.60 -5.06
CA HIS A 98 9.66 1.74 -3.94
C HIS A 98 8.53 1.78 -2.94
N HIS A 99 8.25 0.67 -2.21
CA HIS A 99 7.19 0.72 -1.20
C HIS A 99 7.50 -0.26 -0.10
N THR A 100 7.10 0.00 1.17
CA THR A 100 7.36 -0.96 2.23
C THR A 100 6.22 -0.93 3.21
N ALA A 101 6.03 -2.02 3.97
CA ALA A 101 5.02 -2.00 5.01
C ALA A 101 5.51 -2.82 6.19
N GLU A 102 5.03 -2.50 7.41
CA GLU A 102 5.70 -2.98 8.61
C GLU A 102 4.68 -3.05 9.72
N ILE A 103 4.58 -4.18 10.47
CA ILE A 103 3.57 -4.29 11.53
C ILE A 103 4.31 -4.30 12.85
N VAL A 104 3.72 -3.73 13.92
CA VAL A 104 4.38 -3.68 15.22
C VAL A 104 3.31 -3.93 16.26
N ASP A 105 3.27 -5.07 16.98
CA ASP A 105 2.17 -5.35 17.92
C ASP A 105 0.82 -5.13 17.29
N GLY A 106 0.62 -5.58 16.02
CA GLY A 106 -0.66 -5.38 15.33
C GLY A 106 -0.87 -3.98 14.80
N LYS A 107 -0.05 -2.97 15.17
CA LYS A 107 -0.25 -1.61 14.69
C LYS A 107 0.47 -1.54 13.36
N LEU A 108 -0.16 -1.06 12.27
CA LEU A 108 0.40 -1.22 10.94
C LEU A 108 0.98 0.10 10.52
N VAL A 109 2.11 0.12 9.78
CA VAL A 109 2.74 1.39 9.44
C VAL A 109 3.54 1.21 8.17
N GLU A 110 3.62 2.25 7.30
CA GLU A 110 4.18 2.04 5.97
C GLU A 110 4.84 3.27 5.41
N VAL A 111 5.54 3.11 4.26
CA VAL A 111 6.05 4.29 3.56
C VAL A 111 6.22 3.97 2.09
N SER A 112 6.07 4.96 1.19
CA SER A 112 6.31 4.71 -0.24
C SER A 112 7.14 5.81 -0.82
N THR A 113 7.69 5.58 -2.03
CA THR A 113 8.60 6.55 -2.62
C THR A 113 8.57 6.41 -4.13
N VAL A 114 8.74 7.51 -4.90
CA VAL A 114 8.59 7.41 -6.35
C VAL A 114 9.51 8.39 -7.04
N GLY A 115 10.84 8.29 -6.77
CA GLY A 115 11.81 9.12 -7.47
C GLY A 115 11.37 10.56 -7.55
N GLY A 116 10.96 11.16 -6.42
CA GLY A 116 10.45 12.54 -6.47
C GLY A 116 9.96 12.97 -5.11
N VAL A 117 8.98 12.23 -4.54
CA VAL A 117 8.48 12.54 -3.20
C VAL A 117 8.22 11.26 -2.45
N SER A 118 8.17 11.31 -1.11
CA SER A 118 7.84 10.12 -0.32
C SER A 118 6.42 10.22 0.16
N TYR A 119 5.85 9.09 0.65
CA TYR A 119 4.45 9.08 1.09
C TYR A 119 4.33 8.25 2.34
N GLU A 120 4.46 8.86 3.54
CA GLU A 120 4.28 8.11 4.78
C GLU A 120 2.81 7.77 4.95
N ARG A 121 2.49 6.56 5.47
CA ARG A 121 1.10 6.21 5.77
C ARG A 121 1.08 5.46 7.08
N VAL A 122 -0.03 5.48 7.85
CA VAL A 122 0.00 4.88 9.18
C VAL A 122 -1.36 4.39 9.61
N SER A 123 -1.46 3.25 10.34
CA SER A 123 -2.77 2.66 10.59
C SER A 123 -2.76 1.80 11.82
N LYS A 124 -3.95 1.35 12.29
CA LYS A 124 -4.00 0.51 13.48
C LYS A 124 -5.06 -0.55 13.40
N LYS A 125 -4.87 -1.69 14.12
CA LYS A 125 -5.80 -2.80 14.00
C LYS A 125 -7.16 -2.38 14.49
N LEU A 126 -8.24 -2.68 13.74
CA LEU A 126 -9.60 -2.32 14.16
C LEU A 126 -10.34 -3.61 14.44
N ALA A 127 -10.54 -4.48 13.42
CA ALA A 127 -11.20 -5.77 13.66
C ALA A 127 -12.47 -5.59 14.45
N ALA A 1 2.53 -13.39 11.39
CA ALA A 1 2.54 -11.94 11.33
C ALA A 1 1.73 -11.50 10.12
N PHE A 2 1.45 -10.18 10.01
CA PHE A 2 0.74 -9.64 8.85
C PHE A 2 -0.73 -9.97 8.90
N THR A 3 -1.14 -11.25 8.69
CA THR A 3 -2.56 -11.57 8.60
C THR A 3 -3.43 -10.75 9.54
N GLY A 4 -4.56 -10.17 9.07
CA GLY A 4 -5.42 -9.37 9.94
C GLY A 4 -6.04 -8.22 9.19
N LYS A 5 -7.00 -7.49 9.83
CA LYS A 5 -7.58 -6.31 9.20
C LYS A 5 -6.88 -5.09 9.75
N TYR A 6 -6.80 -3.98 8.98
CA TYR A 6 -6.16 -2.78 9.50
C TYR A 6 -6.74 -1.54 8.84
N GLU A 7 -6.66 -0.36 9.50
CA GLU A 7 -7.12 0.88 8.88
C GLU A 7 -6.08 1.95 8.98
N ILE A 8 -6.10 2.94 8.06
CA ILE A 8 -5.12 4.02 8.12
C ILE A 8 -5.74 5.00 9.09
N GLU A 9 -5.33 4.98 10.38
CA GLU A 9 -5.92 5.92 11.33
C GLU A 9 -5.67 7.32 10.83
N SER A 10 -4.45 7.61 10.29
CA SER A 10 -4.16 8.98 9.88
C SER A 10 -3.09 9.00 8.81
N GLU A 11 -2.99 10.11 8.05
CA GLU A 11 -1.97 10.23 6.99
C GLU A 11 -2.06 11.62 6.41
N LYS A 12 -0.95 12.33 6.10
CA LYS A 12 -1.06 13.71 5.63
C LYS A 12 -0.08 14.02 4.52
N ASN A 13 -0.05 13.17 3.47
CA ASN A 13 0.76 13.46 2.27
C ASN A 13 0.14 12.79 1.06
N TYR A 14 -1.22 12.72 1.01
CA TYR A 14 -1.89 12.04 -0.11
C TYR A 14 -2.02 13.03 -1.26
N ASP A 15 -2.22 14.34 -0.99
CA ASP A 15 -2.44 15.28 -2.08
C ASP A 15 -1.17 15.43 -2.88
N GLU A 16 0.00 15.56 -2.22
CA GLU A 16 1.25 15.69 -2.96
C GLU A 16 1.51 14.38 -3.68
N PHE A 17 1.13 13.22 -3.11
CA PHE A 17 1.33 11.95 -3.79
C PHE A 17 0.50 11.95 -5.05
N MET A 18 -0.78 12.38 -4.97
CA MET A 18 -1.60 12.44 -6.17
C MET A 18 -1.05 13.44 -7.16
N LYS A 19 -0.57 14.62 -6.72
CA LYS A 19 -0.03 15.57 -7.69
C LYS A 19 1.08 14.91 -8.46
N ARG A 20 1.95 14.12 -7.80
CA ARG A 20 3.04 13.46 -8.52
C ARG A 20 2.41 12.49 -9.51
N LEU A 21 1.46 11.64 -9.06
CA LEU A 21 0.79 10.73 -10.00
C LEU A 21 0.15 11.52 -11.13
N ALA A 22 -0.27 12.78 -10.87
CA ALA A 22 -0.82 13.65 -11.91
C ALA A 22 -2.15 13.13 -12.38
N LEU A 23 -3.11 12.96 -11.45
CA LEU A 23 -4.49 12.68 -11.84
C LEU A 23 -5.15 14.04 -11.91
N PRO A 24 -6.14 14.35 -12.79
CA PRO A 24 -6.62 15.72 -12.87
C PRO A 24 -7.33 16.15 -11.60
N SER A 25 -7.51 17.47 -11.41
CA SER A 25 -8.01 17.98 -10.14
C SER A 25 -9.34 17.37 -9.79
N ASP A 26 -10.25 17.17 -10.78
CA ASP A 26 -11.53 16.55 -10.46
C ASP A 26 -11.27 15.25 -9.72
N ALA A 27 -10.37 14.39 -10.25
CA ALA A 27 -10.13 13.10 -9.60
C ALA A 27 -9.55 13.28 -8.22
N ILE A 28 -8.69 14.29 -8.02
CA ILE A 28 -8.06 14.47 -6.71
C ILE A 28 -9.14 14.87 -5.73
N ASP A 29 -9.97 15.89 -6.05
CA ASP A 29 -10.96 16.34 -5.08
C ASP A 29 -11.86 15.21 -4.66
N LYS A 30 -12.15 14.21 -5.53
CA LYS A 30 -12.93 13.05 -5.07
C LYS A 30 -12.11 12.28 -4.05
N ALA A 31 -10.83 11.99 -4.34
CA ALA A 31 -10.01 11.21 -3.41
C ALA A 31 -9.40 12.02 -2.29
N ARG A 32 -9.70 13.32 -2.13
CA ARG A 32 -9.26 14.05 -0.93
C ARG A 32 -10.21 13.66 0.18
N ASN A 33 -9.76 13.64 1.46
CA ASN A 33 -10.62 13.16 2.55
C ASN A 33 -11.06 11.76 2.20
N LEU A 34 -10.08 10.84 2.00
CA LEU A 34 -10.40 9.44 1.74
C LEU A 34 -9.30 8.60 2.33
N LYS A 35 -9.66 7.43 2.91
CA LYS A 35 -8.68 6.57 3.53
C LYS A 35 -8.99 5.18 3.03
N ILE A 36 -8.16 4.20 3.42
CA ILE A 36 -8.31 2.84 2.90
C ILE A 36 -8.25 1.89 4.06
N ILE A 37 -9.06 0.80 4.05
CA ILE A 37 -8.95 -0.22 5.09
C ILE A 37 -8.03 -1.25 4.48
N SER A 38 -6.80 -1.46 5.00
CA SER A 38 -5.89 -2.40 4.34
C SER A 38 -6.11 -3.72 5.01
N GLU A 39 -6.44 -4.81 4.26
CA GLU A 39 -6.76 -6.08 4.90
C GLU A 39 -5.83 -7.09 4.28
N VAL A 40 -4.90 -7.71 5.06
CA VAL A 40 -3.93 -8.63 4.48
C VAL A 40 -4.31 -10.02 4.90
N LYS A 41 -4.23 -11.01 3.98
CA LYS A 41 -4.48 -12.41 4.35
C LYS A 41 -3.25 -13.15 3.88
N GLN A 42 -2.31 -13.46 4.79
CA GLN A 42 -1.17 -14.29 4.40
C GLN A 42 -1.71 -15.66 4.08
N ASP A 43 -1.03 -16.40 3.17
CA ASP A 43 -1.51 -17.71 2.75
C ASP A 43 -0.30 -18.60 2.54
N GLY A 44 0.38 -19.00 3.64
CA GLY A 44 1.63 -19.77 3.50
C GLY A 44 2.73 -18.75 3.32
N GLN A 45 3.29 -18.59 2.09
CA GLN A 45 4.20 -17.47 1.83
C GLN A 45 3.64 -16.67 0.66
N ASN A 46 2.30 -16.50 0.64
CA ASN A 46 1.65 -15.67 -0.37
C ASN A 46 0.84 -14.63 0.37
N PHE A 47 0.58 -13.44 -0.23
CA PHE A 47 -0.04 -12.35 0.50
C PHE A 47 -1.11 -11.74 -0.35
N THR A 48 -2.40 -12.04 -0.08
CA THR A 48 -3.45 -11.28 -0.74
C THR A 48 -3.50 -9.98 0.04
N TRP A 49 -2.72 -8.96 -0.39
CA TRP A 49 -2.63 -7.73 0.41
C TRP A 49 -3.68 -6.78 -0.09
N SER A 50 -4.91 -6.82 0.48
CA SER A 50 -5.97 -5.97 -0.05
C SER A 50 -5.74 -4.54 0.36
N GLN A 51 -6.15 -3.58 -0.48
CA GLN A 51 -6.09 -2.16 -0.13
C GLN A 51 -7.49 -1.67 -0.41
N GLN A 52 -8.36 -1.84 0.60
CA GLN A 52 -9.79 -1.84 0.33
C GLN A 52 -10.34 -0.44 0.48
N TYR A 53 -10.44 0.32 -0.63
CA TYR A 53 -11.14 1.60 -0.56
C TYR A 53 -12.54 1.35 -0.06
N PRO A 54 -13.22 2.24 0.70
CA PRO A 54 -14.60 1.97 1.06
C PRO A 54 -15.45 2.09 -0.18
N GLY A 55 -16.76 1.77 -0.09
CA GLY A 55 -17.60 1.74 -1.29
C GLY A 55 -17.66 0.31 -1.79
N GLY A 56 -16.51 -0.33 -2.05
CA GLY A 56 -16.52 -1.73 -2.48
C GLY A 56 -15.23 -2.11 -3.19
N HIS A 57 -14.80 -1.30 -4.18
CA HIS A 57 -13.62 -1.65 -4.96
C HIS A 57 -12.39 -1.77 -4.07
N SER A 58 -11.40 -2.59 -4.50
CA SER A 58 -10.12 -2.67 -3.79
C SER A 58 -9.00 -2.65 -4.80
N ILE A 59 -7.77 -2.20 -4.41
CA ILE A 59 -6.64 -2.24 -5.34
C ILE A 59 -5.64 -3.20 -4.74
N THR A 60 -6.05 -4.49 -4.64
CA THR A 60 -5.15 -5.45 -3.98
C THR A 60 -3.83 -5.52 -4.70
N ASN A 61 -2.81 -6.02 -3.98
CA ASN A 61 -1.50 -6.22 -4.58
C ASN A 61 -1.20 -7.67 -4.28
N THR A 62 -1.87 -8.60 -5.01
CA THR A 62 -1.67 -10.01 -4.72
C THR A 62 -0.22 -10.29 -5.00
N PHE A 63 0.59 -10.69 -3.98
CA PHE A 63 2.02 -10.89 -4.23
C PHE A 63 2.56 -12.09 -3.50
N THR A 64 3.74 -12.59 -3.95
CA THR A 64 4.36 -13.76 -3.33
C THR A 64 5.77 -13.39 -2.92
N ILE A 65 6.34 -14.04 -1.87
CA ILE A 65 7.68 -13.65 -1.44
C ILE A 65 8.69 -13.99 -2.50
N GLY A 66 9.73 -13.15 -2.73
CA GLY A 66 10.80 -13.52 -3.64
C GLY A 66 10.30 -13.81 -5.03
N LYS A 67 9.38 -12.98 -5.57
CA LYS A 67 8.91 -13.15 -6.94
C LYS A 67 9.04 -11.82 -7.65
N GLU A 68 9.16 -11.80 -9.00
CA GLU A 68 9.09 -10.53 -9.72
C GLU A 68 7.62 -10.14 -9.67
N CYS A 69 7.18 -9.60 -8.52
CA CYS A 69 5.76 -9.40 -8.28
C CYS A 69 5.21 -8.26 -9.10
N ASP A 70 3.99 -8.39 -9.66
CA ASP A 70 3.37 -7.24 -10.30
C ASP A 70 2.71 -6.44 -9.21
N ILE A 71 2.89 -5.11 -9.15
CA ILE A 71 2.24 -4.29 -8.11
C ILE A 71 1.36 -3.33 -8.87
N GLU A 72 0.16 -3.81 -9.28
CA GLU A 72 -0.77 -2.92 -9.97
C GLU A 72 -1.10 -1.77 -9.05
N THR A 73 -1.37 -0.57 -9.61
CA THR A 73 -1.52 0.61 -8.78
C THR A 73 -2.75 1.37 -9.20
N ILE A 74 -3.42 2.05 -8.24
CA ILE A 74 -4.56 2.89 -8.60
C ILE A 74 -4.09 3.96 -9.56
N GLY A 75 -4.98 4.52 -10.42
CA GLY A 75 -4.52 5.59 -11.31
C GLY A 75 -3.57 5.03 -12.34
N GLY A 76 -3.93 3.89 -12.96
CA GLY A 76 -3.09 3.35 -14.03
C GLY A 76 -1.74 2.88 -13.52
N LYS A 77 -0.85 2.55 -14.48
CA LYS A 77 0.52 2.12 -14.20
C LYS A 77 0.68 0.96 -13.23
N LYS A 78 1.81 0.23 -13.32
CA LYS A 78 2.10 -0.88 -12.41
C LYS A 78 3.56 -0.82 -12.06
N PHE A 79 4.02 -1.63 -11.09
CA PHE A 79 5.46 -1.74 -10.82
C PHE A 79 5.85 -3.20 -10.82
N LYS A 80 6.51 -3.74 -11.87
CA LYS A 80 7.05 -5.08 -11.74
C LYS A 80 8.16 -4.92 -10.73
N ALA A 81 8.16 -5.71 -9.62
CA ALA A 81 9.04 -5.38 -8.50
C ALA A 81 9.42 -6.63 -7.73
N THR A 82 10.52 -6.59 -6.95
CA THR A 82 10.96 -7.76 -6.20
C THR A 82 10.50 -7.62 -4.77
N VAL A 83 9.58 -8.48 -4.27
CA VAL A 83 9.19 -8.42 -2.86
C VAL A 83 10.24 -9.13 -2.05
N GLN A 84 10.38 -8.75 -0.75
CA GLN A 84 11.43 -9.30 0.08
C GLN A 84 11.01 -9.15 1.54
N MET A 85 10.73 -10.25 2.30
CA MET A 85 10.34 -10.11 3.71
C MET A 85 11.45 -10.60 4.61
N GLU A 86 11.59 -9.99 5.82
CA GLU A 86 12.72 -10.33 6.68
C GLU A 86 12.31 -10.16 8.12
N GLY A 87 12.13 -11.24 8.91
CA GLY A 87 11.76 -11.08 10.32
C GLY A 87 10.30 -10.69 10.42
N GLY A 88 9.98 -9.40 10.70
CA GLY A 88 8.59 -8.97 10.78
C GLY A 88 8.41 -7.72 9.96
N LYS A 89 8.93 -7.74 8.72
CA LYS A 89 8.85 -6.57 7.84
C LYS A 89 8.64 -7.03 6.42
N VAL A 90 8.18 -6.15 5.50
CA VAL A 90 8.26 -6.48 4.08
C VAL A 90 8.72 -5.29 3.29
N VAL A 91 9.75 -5.46 2.42
CA VAL A 91 10.17 -4.39 1.51
C VAL A 91 9.74 -4.83 0.15
N VAL A 92 9.40 -3.88 -0.74
CA VAL A 92 9.25 -4.23 -2.14
C VAL A 92 9.83 -3.09 -2.94
N ASN A 93 10.42 -3.36 -4.13
CA ASN A 93 11.18 -2.29 -4.77
C ASN A 93 11.29 -2.46 -6.26
N SER A 94 11.37 -1.35 -7.04
CA SER A 94 11.60 -1.45 -8.48
C SER A 94 12.62 -0.40 -8.86
N PRO A 95 13.11 -0.24 -10.12
CA PRO A 95 14.10 0.80 -10.39
C PRO A 95 13.71 2.18 -9.90
N ASN A 96 12.42 2.57 -10.03
CA ASN A 96 11.99 3.92 -9.67
C ASN A 96 10.95 3.91 -8.57
N TYR A 97 9.79 3.24 -8.76
CA TYR A 97 8.76 3.23 -7.71
C TYR A 97 9.23 2.35 -6.59
N HIS A 98 8.69 2.56 -5.37
CA HIS A 98 9.12 1.74 -4.23
C HIS A 98 8.01 1.65 -3.20
N HIS A 99 7.97 0.58 -2.38
CA HIS A 99 7.01 0.55 -1.28
C HIS A 99 7.48 -0.41 -0.21
N THR A 100 7.08 -0.19 1.06
CA THR A 100 7.41 -1.12 2.13
C THR A 100 6.24 -1.18 3.08
N ALA A 101 6.12 -2.29 3.86
CA ALA A 101 5.07 -2.36 4.87
C ALA A 101 5.62 -3.11 6.06
N GLU A 102 5.22 -2.73 7.31
CA GLU A 102 5.84 -3.33 8.49
C GLU A 102 4.83 -3.44 9.59
N ILE A 103 5.10 -4.31 10.59
CA ILE A 103 4.16 -4.53 11.69
C ILE A 103 4.86 -4.23 12.99
N VAL A 104 4.14 -3.67 14.01
CA VAL A 104 4.73 -3.54 15.34
C VAL A 104 3.63 -3.38 16.37
N ASP A 105 3.75 -3.97 17.59
CA ASP A 105 2.73 -3.74 18.62
C ASP A 105 1.33 -3.89 18.07
N GLY A 106 1.05 -4.95 17.28
CA GLY A 106 -0.29 -5.14 16.72
C GLY A 106 -0.81 -3.90 16.03
N LYS A 107 0.09 -3.19 15.31
CA LYS A 107 -0.31 -2.06 14.47
C LYS A 107 0.38 -2.29 13.15
N LEU A 108 -0.02 -1.56 12.09
CA LEU A 108 0.62 -1.73 10.78
C LEU A 108 1.24 -0.40 10.46
N VAL A 109 2.40 -0.36 9.77
CA VAL A 109 3.10 0.90 9.53
C VAL A 109 3.67 0.81 8.15
N GLU A 110 3.39 1.74 7.22
CA GLU A 110 3.82 1.52 5.84
C GLU A 110 4.20 2.82 5.18
N VAL A 111 4.80 2.70 3.96
CA VAL A 111 5.13 3.89 3.20
C VAL A 111 5.24 3.52 1.74
N SER A 112 4.83 4.43 0.82
CA SER A 112 4.96 4.16 -0.62
C SER A 112 5.60 5.37 -1.23
N THR A 113 6.17 5.20 -2.44
CA THR A 113 6.96 6.30 -3.01
C THR A 113 6.92 6.22 -4.51
N VAL A 114 7.02 7.37 -5.21
CA VAL A 114 6.85 7.37 -6.66
C VAL A 114 7.92 8.26 -7.26
N GLY A 115 9.20 7.81 -7.17
CA GLY A 115 10.29 8.58 -7.76
C GLY A 115 10.79 9.60 -6.78
N GLY A 116 10.23 10.83 -6.77
CA GLY A 116 10.74 11.89 -5.89
C GLY A 116 9.73 12.33 -4.86
N VAL A 117 8.73 11.50 -4.48
CA VAL A 117 7.72 11.92 -3.50
C VAL A 117 7.34 10.73 -2.66
N SER A 118 7.66 10.72 -1.34
CA SER A 118 7.23 9.62 -0.50
C SER A 118 5.79 9.81 -0.10
N TYR A 119 5.16 8.75 0.47
CA TYR A 119 3.77 8.85 0.88
C TYR A 119 3.55 7.93 2.07
N GLU A 120 3.95 8.43 3.27
CA GLU A 120 3.79 7.64 4.49
C GLU A 120 2.36 7.20 4.67
N ARG A 121 2.11 6.21 5.57
CA ARG A 121 0.75 5.89 5.98
C ARG A 121 0.83 5.02 7.23
N VAL A 122 0.70 5.61 8.44
CA VAL A 122 0.69 4.80 9.66
C VAL A 122 -0.62 4.05 9.66
N SER A 123 -0.71 2.85 10.27
CA SER A 123 -1.96 2.13 10.25
C SER A 123 -2.19 1.42 11.56
N LYS A 124 -3.46 1.06 11.88
CA LYS A 124 -3.77 0.45 13.16
C LYS A 124 -4.68 -0.72 12.96
N LYS A 125 -4.77 -1.63 13.95
CA LYS A 125 -5.54 -2.86 13.77
C LYS A 125 -6.98 -2.65 14.22
N LEU A 126 -7.97 -3.29 13.55
CA LEU A 126 -9.35 -3.16 14.01
C LEU A 126 -9.47 -4.03 15.24
N ALA A 127 -9.18 -5.35 15.12
CA ALA A 127 -9.21 -6.21 16.29
C ALA A 127 -8.20 -5.70 17.29
#